data_4GVY
#
_entry.id   4GVY
#
_cell.length_a   65.393
_cell.length_b   70.312
_cell.length_c   80.319
_cell.angle_alpha   90.00
_cell.angle_beta   90.00
_cell.angle_gamma   90.00
#
_symmetry.space_group_name_H-M   'P 21 21 21'
#
loop_
_entity.id
_entity.type
_entity.pdbx_description
1 polymer 'Arginine kinase'
2 non-polymer 'MAGNESIUM ION'
3 non-polymer "ADENOSINE-5'-DIPHOSPHATE"
4 non-polymer CITRULLINE
5 water water
#
_entity_poly.entity_id   1
_entity_poly.type   'polypeptide(L)'
_entity_poly.pdbx_seq_one_letter_code
;MVDQATLDKLEAGFKKLQEASDCKSLLKKHLTKDVFDSIKNKKTGMGATLLDVIQSGVENLDSGVGIYAPDAESYRTFGP
LFDPIIDDYHGGFKLTDKHPPKQWGDINTLVGLDPAGQFIISTRVRCGRSLQGYPFNPCLTAEQYKEMEEKVSSTLSSME
DELKGTYYPLTGMSKATQQQLIDDHFLFKEGDRFLQTANACRYWPTGRGIFHNDAKTFLVWVNEEDHLRIISMQKGGDLK
TVYKRLVTAVDNIESKLPFSHDDRFGFLTFCPTNLGTTMRASVHIQLPKLAKDRKVLEDIASKFNLQVRGTRGEHTESEG
GVYDISNKRRLGLTEYQAVREMQDGILEMIKMEKAAA
;
_entity_poly.pdbx_strand_id   A
#
loop_
_chem_comp.id
_chem_comp.type
_chem_comp.name
_chem_comp.formula
ADP non-polymer ADENOSINE-5'-DIPHOSPHATE 'C10 H15 N5 O10 P2'
MG non-polymer 'MAGNESIUM ION' 'Mg 2'
#
# COMPACT_ATOMS: atom_id res chain seq x y z
N VAL A 2 -17.07 14.93 -19.69
CA VAL A 2 -17.57 13.57 -19.51
C VAL A 2 -18.66 13.24 -20.53
N ASP A 3 -18.53 12.10 -21.20
CA ASP A 3 -19.50 11.69 -22.20
C ASP A 3 -20.70 10.95 -21.60
N GLN A 4 -21.65 10.58 -22.45
CA GLN A 4 -22.89 9.93 -22.02
C GLN A 4 -22.72 8.47 -21.61
N ALA A 5 -21.85 7.75 -22.31
CA ALA A 5 -21.67 6.33 -22.03
C ALA A 5 -21.15 6.15 -20.61
N THR A 6 -20.27 7.07 -20.20
CA THR A 6 -19.66 7.04 -18.88
C THR A 6 -20.67 7.41 -17.79
N LEU A 7 -21.54 8.37 -18.09
CA LEU A 7 -22.58 8.78 -17.15
C LEU A 7 -23.54 7.64 -16.86
N ASP A 8 -23.93 6.95 -17.91
CA ASP A 8 -24.78 5.76 -17.81
C ASP A 8 -24.18 4.71 -16.87
N LYS A 9 -22.91 4.37 -17.09
CA LYS A 9 -22.20 3.40 -16.26
C LYS A 9 -22.09 3.83 -14.79
N LEU A 10 -21.91 5.12 -14.55
CA LEU A 10 -21.83 5.63 -13.19
C LEU A 10 -23.16 5.47 -12.46
N GLU A 11 -24.24 5.88 -13.10
CA GLU A 11 -25.58 5.77 -12.52
C GLU A 11 -25.88 4.32 -12.17
N ALA A 12 -25.49 3.41 -13.06
CA ALA A 12 -25.68 1.99 -12.85
C ALA A 12 -24.79 1.48 -11.72
N GLY A 13 -23.57 2.01 -11.66
CA GLY A 13 -22.65 1.63 -10.60
C GLY A 13 -23.13 2.11 -9.25
N PHE A 14 -23.61 3.34 -9.20
CA PHE A 14 -24.13 3.90 -7.95
C PHE A 14 -25.29 3.03 -7.47
N LYS A 15 -26.15 2.69 -8.41
CA LYS A 15 -27.31 1.84 -8.17
C LYS A 15 -26.88 0.51 -7.58
N LYS A 16 -25.86 -0.09 -8.18
CA LYS A 16 -25.35 -1.38 -7.73
C LYS A 16 -24.87 -1.33 -6.28
N LEU A 17 -24.19 -0.25 -5.92
CA LEU A 17 -23.70 -0.06 -4.56
C LEU A 17 -24.85 0.03 -3.55
N GLN A 18 -25.92 0.74 -3.94
CA GLN A 18 -27.08 0.90 -3.05
C GLN A 18 -27.77 -0.44 -2.77
N GLU A 19 -27.87 -1.27 -3.81
CA GLU A 19 -28.59 -2.53 -3.71
C GLU A 19 -27.80 -3.58 -2.93
N ALA A 20 -26.48 -3.40 -2.84
CA ALA A 20 -25.62 -4.36 -2.18
C ALA A 20 -25.74 -4.11 -0.68
N SER A 21 -26.76 -4.71 -0.08
CA SER A 21 -27.14 -4.43 1.31
C SER A 21 -26.01 -4.76 2.30
N ASP A 22 -25.17 -5.73 1.93
CA ASP A 22 -24.11 -6.16 2.82
C ASP A 22 -22.71 -5.71 2.38
N CYS A 23 -22.63 -4.77 1.42
CA CYS A 23 -21.35 -4.21 1.03
C CYS A 23 -20.85 -3.27 2.12
N LYS A 24 -19.59 -3.39 2.50
CA LYS A 24 -19.08 -2.63 3.65
C LYS A 24 -17.90 -1.72 3.31
N SER A 25 -17.71 -1.43 2.03
CA SER A 25 -16.59 -0.61 1.59
C SER A 25 -16.78 0.85 1.99
N LEU A 26 -15.66 1.56 2.12
CA LEU A 26 -15.69 3.00 2.36
C LEU A 26 -16.29 3.73 1.17
N LEU A 27 -16.14 3.16 -0.02
CA LEU A 27 -16.79 3.70 -1.21
C LEU A 27 -18.30 3.76 -1.00
N LYS A 28 -18.91 2.65 -0.62
CA LYS A 28 -20.36 2.62 -0.41
C LYS A 28 -20.77 3.56 0.72
N LYS A 29 -19.99 3.52 1.80
CA LYS A 29 -20.30 4.30 2.99
C LYS A 29 -20.29 5.79 2.69
N HIS A 30 -19.36 6.22 1.84
CA HIS A 30 -19.10 7.66 1.67
C HIS A 30 -19.57 8.27 0.35
N LEU A 31 -19.90 7.45 -0.63
CA LEU A 31 -20.46 7.99 -1.88
C LEU A 31 -21.96 8.20 -1.71
N THR A 32 -22.33 9.31 -1.06
CA THR A 32 -23.72 9.71 -0.93
C THR A 32 -24.24 10.31 -2.23
N LYS A 33 -25.56 10.39 -2.37
CA LYS A 33 -26.16 11.00 -3.55
C LYS A 33 -25.65 12.43 -3.79
N ASP A 34 -25.55 13.22 -2.72
CA ASP A 34 -25.05 14.59 -2.85
C ASP A 34 -23.63 14.55 -3.40
N VAL A 35 -22.79 13.74 -2.75
CA VAL A 35 -21.40 13.59 -3.16
C VAL A 35 -21.34 13.11 -4.61
N PHE A 36 -22.10 12.05 -4.91
CA PHE A 36 -22.17 11.48 -6.24
C PHE A 36 -22.54 12.51 -7.30
N ASP A 37 -23.64 13.22 -7.07
CA ASP A 37 -24.10 14.23 -8.01
C ASP A 37 -23.13 15.40 -8.15
N SER A 38 -22.42 15.71 -7.06
CA SER A 38 -21.51 16.85 -7.05
C SER A 38 -20.25 16.68 -7.92
N ILE A 39 -19.86 15.44 -8.18
CA ILE A 39 -18.60 15.21 -8.88
C ILE A 39 -18.67 14.30 -10.12
N LYS A 40 -19.84 13.73 -10.40
CA LYS A 40 -19.94 12.74 -11.46
C LYS A 40 -19.74 13.30 -12.88
N ASN A 41 -19.90 14.61 -13.04
CA ASN A 41 -19.71 15.24 -14.35
C ASN A 41 -18.34 15.87 -14.50
N LYS A 42 -17.44 15.62 -13.54
CA LYS A 42 -16.12 16.25 -13.58
C LYS A 42 -15.09 15.37 -14.28
N LYS A 43 -14.04 16.03 -14.80
CA LYS A 43 -12.98 15.35 -15.54
C LYS A 43 -11.64 16.06 -15.32
N THR A 44 -10.57 15.28 -15.21
CA THR A 44 -9.23 15.84 -15.04
C THR A 44 -8.62 16.21 -16.39
N GLY A 45 -7.45 16.84 -16.35
CA GLY A 45 -6.72 17.21 -17.56
C GLY A 45 -6.28 16.01 -18.38
N MET A 46 -6.15 14.87 -17.73
CA MET A 46 -5.77 13.65 -18.41
C MET A 46 -6.99 12.83 -18.82
N GLY A 47 -8.18 13.34 -18.50
CA GLY A 47 -9.41 12.70 -18.92
C GLY A 47 -9.91 11.66 -17.93
N ALA A 48 -9.36 11.67 -16.72
CA ALA A 48 -9.82 10.74 -15.70
C ALA A 48 -11.20 11.20 -15.23
N THR A 49 -12.14 10.26 -15.15
CA THR A 49 -13.49 10.55 -14.68
C THR A 49 -13.76 9.84 -13.35
N LEU A 50 -14.94 10.08 -12.80
CA LEU A 50 -15.36 9.41 -11.57
C LEU A 50 -15.41 7.90 -11.72
N LEU A 51 -15.73 7.46 -12.93
CA LEU A 51 -15.76 6.03 -13.20
C LEU A 51 -14.38 5.39 -13.01
N ASP A 52 -13.36 6.06 -13.50
CA ASP A 52 -11.99 5.59 -13.34
C ASP A 52 -11.61 5.51 -11.86
N VAL A 53 -12.28 6.29 -11.03
CA VAL A 53 -11.99 6.33 -9.60
C VAL A 53 -12.69 5.20 -8.82
N ILE A 54 -13.98 5.00 -9.08
CA ILE A 54 -14.80 4.13 -8.24
C ILE A 54 -15.02 2.73 -8.81
N GLN A 55 -14.61 2.53 -10.05
CA GLN A 55 -14.93 1.33 -10.80
C GLN A 55 -14.45 0.05 -10.11
N SER A 56 -13.29 0.11 -9.45
CA SER A 56 -12.75 -1.09 -8.82
C SER A 56 -13.66 -1.50 -7.67
N GLY A 57 -14.19 -0.50 -6.98
CA GLY A 57 -15.09 -0.70 -5.85
C GLY A 57 -16.51 -1.06 -6.25
N VAL A 58 -16.92 -0.60 -7.43
CA VAL A 58 -18.22 -0.96 -7.97
C VAL A 58 -18.22 -2.43 -8.38
N GLU A 59 -17.13 -2.84 -9.01
CA GLU A 59 -17.06 -4.19 -9.57
C GLU A 59 -16.72 -5.19 -8.48
N ASN A 60 -15.92 -4.77 -7.51
CA ASN A 60 -15.53 -5.63 -6.42
C ASN A 60 -16.14 -5.14 -5.11
N LEU A 61 -17.37 -5.57 -4.82
CA LEU A 61 -18.11 -5.05 -3.68
C LEU A 61 -17.48 -5.44 -2.34
N ASP A 62 -16.60 -6.43 -2.38
CA ASP A 62 -15.90 -6.84 -1.16
C ASP A 62 -14.68 -5.95 -0.88
N SER A 63 -14.47 -4.93 -1.71
CA SER A 63 -13.41 -3.95 -1.47
C SER A 63 -13.56 -3.38 -0.05
N GLY A 64 -12.43 -3.08 0.60
CA GLY A 64 -12.47 -2.34 1.84
C GLY A 64 -12.56 -0.84 1.63
N VAL A 65 -11.96 -0.38 0.53
CA VAL A 65 -11.91 1.05 0.23
C VAL A 65 -12.65 1.33 -1.06
N GLY A 66 -12.13 0.80 -2.17
CA GLY A 66 -12.87 0.80 -3.42
C GLY A 66 -12.54 1.89 -4.43
N ILE A 67 -11.59 2.76 -4.10
CA ILE A 67 -11.22 3.83 -5.03
C ILE A 67 -9.71 3.98 -5.20
N TYR A 68 -9.33 4.55 -6.34
CA TYR A 68 -7.94 4.86 -6.63
C TYR A 68 -7.89 6.20 -7.36
N ALA A 69 -6.72 6.83 -7.35
CA ALA A 69 -6.51 8.07 -8.11
C ALA A 69 -5.79 7.75 -9.43
N PRO A 70 -6.46 8.01 -10.57
CA PRO A 70 -5.82 7.77 -11.87
C PRO A 70 -4.67 8.73 -12.14
N ASP A 71 -4.78 9.94 -11.62
CA ASP A 71 -3.73 10.94 -11.70
C ASP A 71 -3.76 11.75 -10.41
N ALA A 72 -2.77 12.61 -10.20
CA ALA A 72 -2.70 13.37 -8.96
C ALA A 72 -3.90 14.30 -8.82
N GLU A 73 -4.31 14.90 -9.94
CA GLU A 73 -5.41 15.86 -9.95
C GLU A 73 -6.68 15.24 -9.37
N SER A 74 -6.86 13.95 -9.64
CA SER A 74 -8.05 13.24 -9.17
C SER A 74 -8.33 13.41 -7.68
N TYR A 75 -7.27 13.50 -6.87
CA TYR A 75 -7.45 13.63 -5.42
C TYR A 75 -8.21 14.88 -5.02
N ARG A 76 -8.10 15.92 -5.84
CA ARG A 76 -8.83 17.16 -5.59
C ARG A 76 -10.07 17.32 -6.47
N THR A 77 -9.96 16.97 -7.74
CA THR A 77 -11.10 17.04 -8.63
C THR A 77 -12.25 16.26 -7.99
N PHE A 78 -11.94 15.10 -7.43
CA PHE A 78 -12.94 14.26 -6.79
C PHE A 78 -12.78 14.27 -5.27
N GLY A 79 -12.27 15.39 -4.75
CA GLY A 79 -12.10 15.57 -3.31
C GLY A 79 -13.28 15.20 -2.44
N PRO A 80 -14.50 15.60 -2.84
CA PRO A 80 -15.65 15.31 -1.99
C PRO A 80 -15.85 13.82 -1.72
N LEU A 81 -15.26 12.95 -2.54
CA LEU A 81 -15.29 11.52 -2.25
C LEU A 81 -13.99 11.08 -1.55
N PHE A 82 -12.84 11.52 -2.06
CA PHE A 82 -11.56 11.15 -1.48
C PHE A 82 -11.44 11.64 -0.04
N ASP A 83 -11.85 12.88 0.22
CA ASP A 83 -11.63 13.52 1.51
C ASP A 83 -12.25 12.76 2.68
N PRO A 84 -13.54 12.38 2.57
CA PRO A 84 -14.15 11.68 3.70
C PRO A 84 -13.58 10.27 3.86
N ILE A 85 -13.23 9.64 2.75
CA ILE A 85 -12.67 8.30 2.77
C ILE A 85 -11.29 8.29 3.40
N ILE A 86 -10.49 9.28 3.05
CA ILE A 86 -9.14 9.43 3.61
C ILE A 86 -9.19 9.72 5.11
N ASP A 87 -10.08 10.62 5.51
CA ASP A 87 -10.27 10.96 6.92
C ASP A 87 -10.66 9.71 7.70
N ASP A 88 -11.54 8.93 7.10
CA ASP A 88 -12.07 7.72 7.72
C ASP A 88 -10.97 6.66 7.88
N TYR A 89 -10.30 6.33 6.77
CA TYR A 89 -9.31 5.25 6.78
C TYR A 89 -8.16 5.54 7.75
N HIS A 90 -7.62 6.75 7.67
CA HIS A 90 -6.39 7.08 8.39
C HIS A 90 -6.62 7.53 9.84
N GLY A 91 -7.86 7.37 10.33
CA GLY A 91 -8.16 7.59 11.74
C GLY A 91 -8.19 9.04 12.19
N GLY A 92 -8.60 9.92 11.27
CA GLY A 92 -8.78 11.33 11.57
C GLY A 92 -7.81 12.15 10.72
N PHE A 93 -8.35 12.87 9.75
CA PHE A 93 -7.55 13.73 8.88
C PHE A 93 -8.49 14.75 8.26
N LYS A 94 -8.52 15.95 8.84
CA LYS A 94 -9.49 16.97 8.46
C LYS A 94 -9.15 17.63 7.14
N LEU A 95 -10.13 18.35 6.57
CA LEU A 95 -9.94 19.02 5.28
C LEU A 95 -8.78 19.98 5.39
N THR A 96 -8.63 20.57 6.57
CA THR A 96 -7.63 21.61 6.80
C THR A 96 -6.31 21.03 7.31
N ASP A 97 -6.24 19.71 7.48
CA ASP A 97 -5.01 19.09 7.99
C ASP A 97 -3.99 18.93 6.87
N LYS A 98 -2.72 18.89 7.25
CA LYS A 98 -1.66 18.61 6.30
C LYS A 98 -0.71 17.59 6.90
N HIS A 99 -0.30 16.61 6.10
CA HIS A 99 0.65 15.60 6.55
C HIS A 99 1.97 16.26 6.95
N PRO A 100 2.57 15.78 8.05
CA PRO A 100 3.79 16.41 8.55
C PRO A 100 5.00 16.11 7.67
N PRO A 101 6.07 16.90 7.82
CA PRO A 101 7.30 16.64 7.08
C PRO A 101 7.88 15.27 7.39
N LYS A 102 8.60 14.70 6.43
CA LYS A 102 9.26 13.42 6.58
C LYS A 102 10.11 13.44 7.85
N GLN A 103 9.97 12.39 8.66
CA GLN A 103 10.76 12.25 9.87
CA GLN A 103 10.74 12.25 9.89
C GLN A 103 10.88 10.79 10.28
N TRP A 104 12.05 10.21 10.06
CA TRP A 104 12.26 8.80 10.36
C TRP A 104 12.26 8.59 11.87
N GLY A 105 12.68 9.62 12.61
CA GLY A 105 12.77 9.56 14.06
C GLY A 105 14.05 8.90 14.55
N ASP A 106 14.12 8.64 15.84
CA ASP A 106 15.30 8.07 16.44
C ASP A 106 15.22 6.56 16.36
N ILE A 107 15.96 6.01 15.41
CA ILE A 107 15.90 4.58 15.09
C ILE A 107 16.36 3.73 16.25
N ASN A 108 17.23 4.31 17.08
CA ASN A 108 17.78 3.61 18.22
C ASN A 108 16.79 3.35 19.36
N THR A 109 15.59 3.94 19.29
CA THR A 109 14.54 3.70 20.28
C THR A 109 13.63 2.51 19.96
N LEU A 110 13.82 1.91 18.79
CA LEU A 110 13.08 0.72 18.38
C LEU A 110 13.70 -0.52 18.99
N VAL A 111 12.87 -1.53 19.28
CA VAL A 111 13.36 -2.72 19.96
C VAL A 111 13.10 -3.99 19.17
N GLY A 112 13.65 -5.10 19.66
CA GLY A 112 13.34 -6.43 19.16
C GLY A 112 11.94 -6.83 19.58
N LEU A 113 11.10 -7.22 18.62
CA LEU A 113 9.68 -7.36 18.86
C LEU A 113 9.31 -8.65 19.59
N ASP A 114 10.19 -9.64 19.56
CA ASP A 114 9.85 -10.93 20.15
C ASP A 114 11.10 -11.75 20.47
N PRO A 115 11.82 -11.36 21.52
CA PRO A 115 13.14 -11.95 21.78
C PRO A 115 13.16 -13.48 21.87
N ALA A 116 12.15 -14.10 22.49
CA ALA A 116 12.18 -15.55 22.63
C ALA A 116 11.84 -16.27 21.32
N GLY A 117 11.36 -15.52 20.34
CA GLY A 117 11.18 -16.06 18.99
C GLY A 117 10.00 -17.01 18.79
N GLN A 118 9.05 -17.01 19.70
CA GLN A 118 7.95 -17.97 19.61
C GLN A 118 6.69 -17.47 18.89
N PHE A 119 6.63 -16.18 18.58
CA PHE A 119 5.44 -15.63 17.94
C PHE A 119 5.72 -15.06 16.55
N ILE A 120 6.77 -14.25 16.42
CA ILE A 120 7.01 -13.56 15.14
C ILE A 120 7.86 -14.39 14.18
N ILE A 121 7.40 -14.47 12.94
CA ILE A 121 8.12 -15.18 11.89
C ILE A 121 9.09 -14.28 11.12
N SER A 122 8.61 -13.11 10.73
CA SER A 122 9.39 -12.19 9.92
C SER A 122 8.85 -10.77 10.04
N THR A 123 9.70 -9.79 9.75
CA THR A 123 9.33 -8.40 9.88
C THR A 123 9.66 -7.66 8.59
N ARG A 124 8.79 -6.73 8.20
CA ARG A 124 8.90 -6.09 6.89
C ARG A 124 8.45 -4.64 6.99
N VAL A 125 9.17 -3.75 6.34
CA VAL A 125 8.72 -2.38 6.19
C VAL A 125 8.82 -1.95 4.74
N ARG A 126 7.72 -1.43 4.20
CA ARG A 126 7.74 -0.90 2.85
C ARG A 126 7.28 0.55 2.77
N CYS A 127 7.76 1.24 1.74
CA CYS A 127 7.21 2.53 1.35
C CYS A 127 6.92 2.51 -0.14
N GLY A 128 6.17 3.50 -0.61
CA GLY A 128 5.89 3.61 -2.02
C GLY A 128 6.26 5.00 -2.48
N ARG A 129 6.60 5.12 -3.76
CA ARG A 129 6.94 6.42 -4.34
C ARG A 129 6.48 6.48 -5.79
N SER A 130 6.15 7.68 -6.23
CA SER A 130 5.78 7.92 -7.61
C SER A 130 6.81 8.84 -8.25
N LEU A 131 7.16 8.57 -9.51
CA LEU A 131 8.15 9.40 -10.19
C LEU A 131 7.49 10.67 -10.68
N GLN A 132 8.12 11.80 -10.41
CA GLN A 132 7.66 13.08 -10.92
C GLN A 132 7.65 13.03 -12.44
N GLY A 133 6.57 13.51 -13.04
CA GLY A 133 6.42 13.55 -14.48
C GLY A 133 5.66 12.35 -15.03
N TYR A 134 5.34 11.40 -14.16
CA TYR A 134 4.55 10.25 -14.59
C TYR A 134 3.25 10.15 -13.80
N PRO A 135 2.12 9.91 -14.48
CA PRO A 135 0.85 9.72 -13.80
C PRO A 135 0.76 8.31 -13.21
N PHE A 136 -0.33 8.02 -12.50
CA PHE A 136 -0.50 6.68 -11.95
C PHE A 136 -0.91 5.68 -13.03
N ASN A 137 -0.87 4.40 -12.66
CA ASN A 137 -1.01 3.30 -13.62
C ASN A 137 -2.03 3.49 -14.74
N PRO A 138 -3.27 3.91 -14.40
CA PRO A 138 -4.33 3.91 -15.42
C PRO A 138 -4.11 4.92 -16.55
N CYS A 139 -3.21 5.86 -16.35
CA CYS A 139 -2.94 6.90 -17.34
C CYS A 139 -1.62 6.66 -18.09
N LEU A 140 -0.93 5.58 -17.75
CA LEU A 140 0.34 5.26 -18.39
C LEU A 140 0.16 4.55 -19.74
N THR A 141 1.05 4.85 -20.68
CA THR A 141 1.14 4.09 -21.92
C THR A 141 2.17 2.99 -21.73
N ALA A 142 2.17 2.02 -22.65
CA ALA A 142 3.17 0.96 -22.62
C ALA A 142 4.57 1.54 -22.64
N GLU A 143 4.79 2.53 -23.51
CA GLU A 143 6.11 3.13 -23.66
C GLU A 143 6.59 3.75 -22.35
N GLN A 144 5.67 4.39 -21.62
CA GLN A 144 6.03 4.98 -20.33
C GLN A 144 6.45 3.93 -19.31
N TYR A 145 5.74 2.81 -19.26
CA TYR A 145 6.16 1.70 -18.41
C TYR A 145 7.62 1.31 -18.69
N LYS A 146 7.97 1.24 -19.97
CA LYS A 146 9.32 0.88 -20.36
C LYS A 146 10.33 1.97 -19.98
N GLU A 147 9.93 3.23 -20.15
CA GLU A 147 10.79 4.36 -19.82
C GLU A 147 11.09 4.37 -18.32
N MET A 148 10.04 4.18 -17.51
CA MET A 148 10.19 4.20 -16.05
C MET A 148 11.07 3.06 -15.59
N GLU A 149 10.84 1.88 -16.15
CA GLU A 149 11.65 0.72 -15.82
C GLU A 149 13.11 1.05 -16.09
N GLU A 150 13.39 1.70 -17.21
CA GLU A 150 14.77 2.09 -17.56
C GLU A 150 15.33 3.03 -16.51
N LYS A 151 14.57 4.07 -16.18
CA LYS A 151 15.04 5.06 -15.23
C LYS A 151 15.32 4.44 -13.87
N VAL A 152 14.41 3.60 -13.36
CA VAL A 152 14.57 3.03 -12.03
C VAL A 152 15.69 1.98 -11.96
N SER A 153 15.72 1.07 -12.93
CA SER A 153 16.73 0.02 -12.94
C SER A 153 18.14 0.60 -13.07
N SER A 154 18.30 1.62 -13.91
CA SER A 154 19.58 2.28 -14.06
C SER A 154 20.00 2.97 -12.76
N THR A 155 19.06 3.60 -12.08
CA THR A 155 19.36 4.24 -10.81
C THR A 155 19.81 3.21 -9.78
N LEU A 156 19.12 2.07 -9.72
CA LEU A 156 19.41 1.08 -8.69
C LEU A 156 20.71 0.33 -8.93
N SER A 157 21.24 0.38 -10.16
CA SER A 157 22.55 -0.20 -10.45
C SER A 157 23.67 0.53 -9.70
N SER A 158 23.37 1.71 -9.17
CA SER A 158 24.37 2.51 -8.47
C SER A 158 24.36 2.26 -6.96
N MET A 159 23.45 1.39 -6.49
CA MET A 159 23.40 1.07 -5.06
C MET A 159 24.66 0.30 -4.70
N GLU A 160 25.17 0.53 -3.48
CA GLU A 160 26.44 -0.06 -3.08
C GLU A 160 26.33 -0.78 -1.74
N ASP A 161 27.34 -1.58 -1.43
CA ASP A 161 27.45 -2.27 -0.14
C ASP A 161 26.24 -3.18 0.10
N GLU A 162 25.59 -3.06 1.27
CA GLU A 162 24.48 -3.97 1.58
C GLU A 162 23.37 -3.87 0.54
N LEU A 163 23.22 -2.69 -0.07
CA LEU A 163 22.08 -2.42 -0.93
C LEU A 163 22.36 -2.75 -2.41
N LYS A 164 23.62 -2.99 -2.74
CA LYS A 164 23.98 -3.38 -4.11
C LYS A 164 23.21 -4.64 -4.52
N GLY A 165 22.74 -4.68 -5.77
CA GLY A 165 21.94 -5.79 -6.23
C GLY A 165 21.69 -5.79 -7.73
N THR A 166 20.72 -6.61 -8.16
CA THR A 166 20.45 -6.82 -9.58
C THR A 166 18.96 -6.62 -9.89
N TYR A 167 18.66 -6.01 -11.04
CA TYR A 167 17.27 -5.88 -11.50
C TYR A 167 16.82 -7.07 -12.36
N TYR A 168 15.66 -7.62 -11.99
CA TYR A 168 15.06 -8.75 -12.71
C TYR A 168 13.73 -8.36 -13.35
N PRO A 169 13.72 -8.18 -14.68
CA PRO A 169 12.45 -7.87 -15.35
C PRO A 169 11.48 -9.01 -15.23
N LEU A 170 10.19 -8.71 -15.17
CA LEU A 170 9.18 -9.74 -15.18
C LEU A 170 9.09 -10.33 -16.57
N THR A 171 9.31 -9.49 -17.58
CA THR A 171 9.40 -9.95 -18.96
C THR A 171 10.68 -10.76 -19.11
N GLY A 172 10.53 -12.02 -19.49
CA GLY A 172 11.67 -12.90 -19.64
C GLY A 172 11.94 -13.69 -18.39
N MET A 173 11.29 -13.34 -17.28
CA MET A 173 11.47 -14.07 -16.04
C MET A 173 10.77 -15.42 -16.16
N SER A 174 11.42 -16.49 -15.75
CA SER A 174 10.81 -17.81 -15.86
C SER A 174 9.62 -17.90 -14.93
N LYS A 175 8.64 -18.72 -15.30
CA LYS A 175 7.46 -18.89 -14.49
C LYS A 175 7.85 -19.44 -13.12
N ALA A 176 8.83 -20.35 -13.13
CA ALA A 176 9.29 -20.97 -11.90
C ALA A 176 9.94 -19.96 -10.96
N THR A 177 10.76 -19.07 -11.51
CA THR A 177 11.45 -18.08 -10.72
C THR A 177 10.45 -17.08 -10.14
N GLN A 178 9.52 -16.63 -10.97
CA GLN A 178 8.47 -15.72 -10.54
C GLN A 178 7.63 -16.30 -9.41
N GLN A 179 7.13 -17.51 -9.63
CA GLN A 179 6.31 -18.17 -8.62
C GLN A 179 7.04 -18.41 -7.30
N GLN A 180 8.33 -18.71 -7.35
CA GLN A 180 9.07 -18.92 -6.10
C GLN A 180 9.22 -17.59 -5.34
N LEU A 181 9.53 -16.52 -6.07
CA LEU A 181 9.69 -15.20 -5.45
C LEU A 181 8.38 -14.72 -4.80
N ILE A 182 7.25 -15.09 -5.40
CA ILE A 182 5.96 -14.72 -4.84
C ILE A 182 5.66 -15.56 -3.61
N ASP A 183 5.91 -16.85 -3.72
CA ASP A 183 5.67 -17.77 -2.62
C ASP A 183 6.51 -17.42 -1.39
N ASP A 184 7.73 -16.94 -1.62
CA ASP A 184 8.62 -16.59 -0.51
C ASP A 184 8.35 -15.19 0.04
N HIS A 185 7.29 -14.57 -0.46
CA HIS A 185 6.79 -13.29 0.06
C HIS A 185 7.61 -12.10 -0.38
N PHE A 186 8.40 -12.29 -1.43
CA PHE A 186 9.28 -11.24 -1.94
C PHE A 186 8.70 -10.44 -3.10
N LEU A 187 8.10 -11.13 -4.06
CA LEU A 187 7.63 -10.48 -5.27
C LEU A 187 6.11 -10.27 -5.23
N PHE A 188 5.64 -9.17 -5.81
CA PHE A 188 4.21 -8.90 -5.88
C PHE A 188 3.51 -9.98 -6.70
N LYS A 189 2.27 -10.28 -6.32
CA LYS A 189 1.49 -11.27 -7.04
C LYS A 189 1.08 -10.71 -8.41
N GLU A 190 0.78 -11.61 -9.33
CA GLU A 190 0.27 -11.27 -10.65
C GLU A 190 -1.24 -11.45 -10.64
N GLY A 191 -1.96 -10.53 -11.28
CA GLY A 191 -3.39 -10.71 -11.48
C GLY A 191 -4.28 -10.40 -10.28
N ASP A 192 -4.19 -9.18 -9.75
CA ASP A 192 -5.03 -8.77 -8.61
C ASP A 192 -6.33 -8.12 -9.10
N ARG A 193 -7.48 -8.68 -8.70
CA ARG A 193 -8.76 -8.23 -9.27
C ARG A 193 -9.10 -6.78 -8.96
N PHE A 194 -8.66 -6.29 -7.81
CA PHE A 194 -8.93 -4.92 -7.42
C PHE A 194 -8.13 -3.94 -8.27
N LEU A 195 -6.88 -4.28 -8.53
CA LEU A 195 -6.02 -3.46 -9.38
C LEU A 195 -6.44 -3.55 -10.85
N GLN A 196 -6.78 -4.75 -11.30
CA GLN A 196 -7.15 -4.98 -12.69
C GLN A 196 -8.32 -4.09 -13.07
N THR A 197 -9.37 -4.09 -12.25
CA THR A 197 -10.58 -3.34 -12.56
C THR A 197 -10.36 -1.84 -12.40
N ALA A 198 -9.27 -1.44 -11.75
CA ALA A 198 -8.88 -0.04 -11.72
C ALA A 198 -8.05 0.31 -12.95
N ASN A 199 -7.95 -0.62 -13.89
CA ASN A 199 -7.08 -0.46 -15.06
C ASN A 199 -5.65 -0.11 -14.66
N ALA A 200 -5.14 -0.78 -13.62
CA ALA A 200 -3.80 -0.52 -13.13
C ALA A 200 -2.78 -1.51 -13.68
N CYS A 201 -3.26 -2.50 -14.44
CA CYS A 201 -2.38 -3.58 -14.88
C CYS A 201 -2.27 -3.69 -16.40
N ARG A 202 -2.57 -2.62 -17.11
CA ARG A 202 -2.51 -2.66 -18.57
C ARG A 202 -1.09 -2.96 -19.05
N TYR A 203 -1.00 -3.67 -20.18
CA TYR A 203 0.25 -3.96 -20.88
C TYR A 203 1.13 -4.94 -20.10
N TRP A 204 0.58 -5.54 -19.06
CA TRP A 204 1.31 -6.47 -18.21
C TRP A 204 1.92 -7.57 -19.08
N PRO A 205 3.18 -7.95 -18.82
CA PRO A 205 4.09 -7.56 -17.74
C PRO A 205 5.09 -6.48 -18.16
N THR A 206 4.81 -5.78 -19.25
CA THR A 206 5.74 -4.78 -19.77
C THR A 206 6.08 -3.72 -18.73
N GLY A 207 7.38 -3.49 -18.51
CA GLY A 207 7.81 -2.48 -17.55
C GLY A 207 7.81 -2.88 -16.09
N ARG A 208 7.32 -4.08 -15.78
CA ARG A 208 7.24 -4.53 -14.39
C ARG A 208 8.45 -5.38 -14.07
N GLY A 209 8.87 -5.36 -12.80
CA GLY A 209 9.96 -6.20 -12.36
C GLY A 209 10.34 -5.94 -10.91
N ILE A 210 11.42 -6.57 -10.45
CA ILE A 210 11.86 -6.42 -9.07
C ILE A 210 13.39 -6.32 -9.01
N PHE A 211 13.88 -5.33 -8.26
CA PHE A 211 15.29 -5.25 -7.90
C PHE A 211 15.47 -5.78 -6.48
N HIS A 212 16.54 -6.51 -6.25
CA HIS A 212 16.89 -6.91 -4.89
C HIS A 212 18.38 -7.21 -4.72
N ASN A 213 18.88 -7.00 -3.51
CA ASN A 213 20.22 -7.47 -3.18
C ASN A 213 20.18 -8.99 -3.09
N ASP A 214 21.35 -9.62 -3.07
CA ASP A 214 21.41 -11.08 -3.19
C ASP A 214 20.72 -11.76 -2.01
N ALA A 215 20.79 -11.14 -0.84
CA ALA A 215 20.15 -11.72 0.34
C ALA A 215 18.63 -11.51 0.34
N LYS A 216 18.15 -10.61 -0.51
CA LYS A 216 16.71 -10.34 -0.59
C LYS A 216 16.16 -9.81 0.73
N THR A 217 16.95 -8.94 1.35
CA THR A 217 16.54 -8.17 2.52
C THR A 217 16.21 -6.75 2.10
N PHE A 218 16.63 -6.40 0.89
CA PHE A 218 16.32 -5.12 0.31
C PHE A 218 15.79 -5.34 -1.09
N LEU A 219 14.56 -4.87 -1.34
CA LEU A 219 13.91 -5.10 -2.62
C LEU A 219 13.20 -3.84 -3.08
N VAL A 220 13.07 -3.67 -4.40
CA VAL A 220 12.26 -2.60 -4.96
C VAL A 220 11.36 -3.19 -6.04
N TRP A 221 10.05 -3.01 -5.87
CA TRP A 221 9.10 -3.41 -6.91
C TRP A 221 8.98 -2.27 -7.88
N VAL A 222 9.06 -2.60 -9.17
CA VAL A 222 8.95 -1.60 -10.23
C VAL A 222 7.64 -1.81 -10.98
N ASN A 223 6.80 -0.78 -10.96
CA ASN A 223 5.60 -0.70 -11.76
C ASN A 223 4.49 -1.70 -11.42
N GLU A 224 4.37 -2.04 -10.14
CA GLU A 224 3.16 -2.73 -9.67
C GLU A 224 2.09 -1.69 -9.34
N GLU A 225 1.63 -1.66 -8.08
CA GLU A 225 0.57 -0.72 -7.70
C GLU A 225 1.11 0.71 -7.75
N ASP A 226 2.34 0.90 -7.29
CA ASP A 226 2.99 2.20 -7.41
C ASP A 226 4.23 2.08 -8.29
N HIS A 227 4.76 3.21 -8.75
CA HIS A 227 5.95 3.19 -9.61
C HIS A 227 7.08 2.44 -8.90
N LEU A 228 7.28 2.75 -7.61
CA LEU A 228 8.23 2.02 -6.80
C LEU A 228 7.59 1.58 -5.47
N ARG A 229 7.89 0.36 -5.04
CA ARG A 229 7.73 0.02 -3.64
C ARG A 229 9.10 -0.42 -3.13
N ILE A 230 9.55 0.22 -2.06
CA ILE A 230 10.89 0.01 -1.55
C ILE A 230 10.75 -0.75 -0.25
N ILE A 231 11.38 -1.91 -0.18
CA ILE A 231 11.04 -2.88 0.83
C ILE A 231 12.30 -3.32 1.57
N SER A 232 12.19 -3.38 2.89
CA SER A 232 13.21 -4.00 3.71
C SER A 232 12.52 -5.07 4.52
N MET A 233 13.09 -6.26 4.58
CA MET A 233 12.47 -7.36 5.30
C MET A 233 13.50 -8.43 5.62
N GLN A 234 13.22 -9.19 6.66
CA GLN A 234 14.04 -10.33 7.04
C GLN A 234 13.30 -11.22 8.03
N LYS A 235 13.80 -12.43 8.23
CA LYS A 235 13.28 -13.32 9.26
C LYS A 235 13.49 -12.69 10.63
N GLY A 236 12.68 -13.10 11.61
CA GLY A 236 12.81 -12.58 12.95
C GLY A 236 12.13 -11.25 13.21
N GLY A 237 12.43 -10.69 14.38
CA GLY A 237 11.75 -9.52 14.91
C GLY A 237 12.63 -8.30 15.14
N ASP A 238 13.77 -8.22 14.45
CA ASP A 238 14.70 -7.11 14.64
C ASP A 238 14.22 -5.94 13.79
N LEU A 239 13.21 -5.24 14.30
CA LEU A 239 12.61 -4.12 13.60
C LEU A 239 13.59 -2.99 13.37
N LYS A 240 14.43 -2.74 14.36
CA LYS A 240 15.43 -1.69 14.28
C LYS A 240 16.31 -1.86 13.03
N THR A 241 16.86 -3.05 12.82
CA THR A 241 17.70 -3.30 11.65
C THR A 241 16.91 -3.15 10.35
N VAL A 242 15.72 -3.75 10.32
CA VAL A 242 14.88 -3.70 9.12
C VAL A 242 14.59 -2.26 8.76
N TYR A 243 14.18 -1.48 9.77
CA TYR A 243 13.82 -0.08 9.57
C TYR A 243 15.04 0.76 9.19
N LYS A 244 16.17 0.52 9.84
CA LYS A 244 17.39 1.25 9.51
C LYS A 244 17.81 1.05 8.06
N ARG A 245 17.67 -0.18 7.58
CA ARG A 245 18.03 -0.50 6.20
C ARG A 245 17.12 0.22 5.22
N LEU A 246 15.82 0.23 5.53
CA LEU A 246 14.85 0.97 4.72
C LEU A 246 15.19 2.46 4.66
N VAL A 247 15.49 3.05 5.81
CA VAL A 247 15.83 4.47 5.86
C VAL A 247 17.02 4.76 4.96
N THR A 248 18.09 3.99 5.12
CA THR A 248 19.29 4.15 4.32
C THR A 248 18.96 4.09 2.83
N ALA A 249 18.17 3.08 2.43
CA ALA A 249 17.86 2.86 1.02
C ALA A 249 17.05 4.02 0.47
N VAL A 250 15.99 4.41 1.17
CA VAL A 250 15.13 5.48 0.72
C VAL A 250 15.86 6.83 0.66
N ASP A 251 16.68 7.12 1.67
CA ASP A 251 17.42 8.38 1.66
C ASP A 251 18.35 8.42 0.45
N ASN A 252 18.95 7.28 0.15
CA ASN A 252 19.89 7.22 -0.97
C ASN A 252 19.20 7.34 -2.32
N ILE A 253 18.10 6.62 -2.49
CA ILE A 253 17.34 6.67 -3.73
C ILE A 253 16.74 8.05 -3.96
N GLU A 254 16.29 8.68 -2.88
CA GLU A 254 15.72 10.03 -2.95
C GLU A 254 16.68 11.09 -3.50
N SER A 255 17.97 10.92 -3.24
CA SER A 255 18.95 11.88 -3.75
C SER A 255 19.13 11.77 -5.26
N LYS A 256 18.63 10.67 -5.84
CA LYS A 256 18.89 10.34 -7.24
C LYS A 256 17.65 10.48 -8.14
N LEU A 257 16.50 10.13 -7.59
CA LEU A 257 15.28 10.14 -8.40
C LEU A 257 14.29 11.14 -7.79
N PRO A 258 13.62 11.92 -8.64
CA PRO A 258 12.64 12.89 -8.15
C PRO A 258 11.29 12.21 -7.89
N PHE A 259 10.80 12.27 -6.65
CA PHE A 259 9.52 11.63 -6.34
C PHE A 259 8.46 12.68 -6.03
N SER A 260 7.20 12.34 -6.34
CA SER A 260 6.09 13.27 -6.19
C SER A 260 5.70 13.40 -4.72
N HIS A 261 5.68 14.65 -4.25
CA HIS A 261 5.32 14.96 -2.87
C HIS A 261 4.32 16.12 -2.89
N ASP A 262 3.35 16.09 -1.98
CA ASP A 262 2.27 17.07 -1.99
C ASP A 262 2.27 17.73 -0.61
N ASP A 263 2.07 19.04 -0.57
CA ASP A 263 2.09 19.78 0.68
C ASP A 263 1.07 19.25 1.68
N ARG A 264 -0.06 18.76 1.18
CA ARG A 264 -1.09 18.26 2.06
C ARG A 264 -1.03 16.75 2.26
N PHE A 265 -0.81 16.01 1.18
CA PHE A 265 -0.94 14.55 1.22
C PHE A 265 0.38 13.81 1.40
N GLY A 266 1.47 14.55 1.58
CA GLY A 266 2.79 13.94 1.72
C GLY A 266 3.15 13.26 0.41
N PHE A 267 3.79 12.09 0.49
CA PHE A 267 4.17 11.41 -0.74
C PHE A 267 2.93 10.86 -1.43
N LEU A 268 2.83 11.14 -2.73
CA LEU A 268 1.66 10.73 -3.48
C LEU A 268 1.75 9.28 -3.92
N THR A 269 0.60 8.61 -3.85
CA THR A 269 0.48 7.21 -4.24
C THR A 269 -0.84 6.97 -4.97
N PHE A 270 -0.94 5.81 -5.58
CA PHE A 270 -2.09 5.45 -6.43
C PHE A 270 -3.34 5.18 -5.58
N CYS A 271 -3.15 4.53 -4.43
CA CYS A 271 -4.27 4.31 -3.50
C CYS A 271 -4.21 5.35 -2.38
N PRO A 272 -5.37 5.89 -1.99
CA PRO A 272 -5.41 6.86 -0.87
C PRO A 272 -4.97 6.30 0.47
N THR A 273 -4.99 4.97 0.63
CA THR A 273 -4.54 4.36 1.88
C THR A 273 -3.03 4.49 2.06
N ASN A 274 -2.34 4.81 0.97
CA ASN A 274 -0.88 4.80 0.97
C ASN A 274 -0.23 6.18 0.99
N LEU A 275 -1.06 7.22 1.16
CA LEU A 275 -0.55 8.57 1.14
C LEU A 275 0.33 8.83 2.35
N GLY A 276 1.05 9.95 2.35
CA GLY A 276 1.69 10.46 3.54
C GLY A 276 3.07 9.89 3.75
N THR A 277 3.20 8.97 4.71
CA THR A 277 4.45 8.23 4.93
C THR A 277 4.57 7.10 3.91
N THR A 278 3.44 6.68 3.37
CA THR A 278 3.36 5.53 2.47
C THR A 278 3.80 4.24 3.15
N MET A 279 3.90 4.26 4.47
CA MET A 279 4.62 3.20 5.16
C MET A 279 3.70 2.12 5.72
N ARG A 280 4.05 0.87 5.42
CA ARG A 280 3.38 -0.26 6.02
C ARG A 280 4.42 -1.15 6.65
N ALA A 281 4.43 -1.15 7.98
CA ALA A 281 5.33 -1.97 8.78
C ALA A 281 4.53 -3.15 9.26
N SER A 282 5.01 -4.36 9.00
CA SER A 282 4.20 -5.53 9.32
C SER A 282 5.04 -6.64 9.91
N VAL A 283 4.36 -7.53 10.63
CA VAL A 283 4.96 -8.79 11.00
C VAL A 283 4.12 -9.93 10.45
N HIS A 284 4.78 -11.04 10.17
CA HIS A 284 4.08 -12.30 10.06
C HIS A 284 4.21 -12.96 11.41
N ILE A 285 3.07 -13.21 12.05
CA ILE A 285 3.03 -13.56 13.46
C ILE A 285 1.99 -14.64 13.75
N GLN A 286 2.30 -15.51 14.71
CA GLN A 286 1.33 -16.47 15.23
C GLN A 286 0.90 -16.11 16.64
N LEU A 287 -0.41 -16.12 16.87
CA LEU A 287 -0.99 -15.79 18.16
C LEU A 287 -2.17 -16.72 18.39
N PRO A 288 -1.89 -18.01 18.65
CA PRO A 288 -2.92 -19.05 18.63
C PRO A 288 -4.07 -18.80 19.61
N LYS A 289 -3.78 -18.28 20.79
CA LYS A 289 -4.85 -18.03 21.75
C LYS A 289 -5.72 -16.85 21.33
N LEU A 290 -5.08 -15.76 20.92
CA LEU A 290 -5.82 -14.57 20.48
C LEU A 290 -6.50 -14.74 19.12
N ALA A 291 -5.91 -15.58 18.28
CA ALA A 291 -6.41 -15.80 16.92
C ALA A 291 -7.46 -16.91 16.77
N LYS A 292 -7.92 -17.46 17.88
CA LYS A 292 -8.93 -18.52 17.88
C LYS A 292 -10.20 -18.15 17.11
N ASP A 293 -10.29 -16.89 16.69
CA ASP A 293 -11.33 -16.42 15.79
C ASP A 293 -10.85 -15.13 15.14
N ARG A 294 -10.53 -15.20 13.86
CA ARG A 294 -9.88 -14.06 13.21
C ARG A 294 -10.67 -12.77 13.38
N LYS A 295 -11.97 -12.85 13.66
CA LYS A 295 -12.72 -11.61 13.82
C LYS A 295 -12.43 -11.00 15.20
N VAL A 296 -12.21 -11.86 16.19
CA VAL A 296 -11.77 -11.42 17.52
C VAL A 296 -10.37 -10.81 17.46
N LEU A 297 -9.50 -11.45 16.68
CA LEU A 297 -8.14 -10.97 16.47
C LEU A 297 -8.21 -9.58 15.86
N GLU A 298 -9.00 -9.43 14.79
CA GLU A 298 -9.14 -8.15 14.10
C GLU A 298 -9.72 -7.06 15.00
N ASP A 299 -10.61 -7.44 15.91
CA ASP A 299 -11.22 -6.46 16.82
C ASP A 299 -10.19 -5.99 17.83
N ILE A 300 -9.34 -6.91 18.29
CA ILE A 300 -8.27 -6.55 19.21
C ILE A 300 -7.25 -5.62 18.53
N ALA A 301 -6.84 -6.02 17.33
CA ALA A 301 -5.86 -5.28 16.54
C ALA A 301 -6.31 -3.84 16.29
N SER A 302 -7.59 -3.69 15.98
CA SER A 302 -8.13 -2.38 15.59
C SER A 302 -7.94 -1.34 16.70
N LYS A 303 -7.97 -1.78 17.95
CA LYS A 303 -7.84 -0.84 19.05
C LYS A 303 -6.41 -0.31 19.16
N PHE A 304 -5.49 -1.03 18.52
CA PHE A 304 -4.09 -0.62 18.48
C PHE A 304 -3.80 0.05 17.12
N ASN A 305 -4.85 0.36 16.38
CA ASN A 305 -4.75 0.96 15.04
C ASN A 305 -3.98 0.06 14.07
N LEU A 306 -4.13 -1.26 14.23
CA LEU A 306 -3.48 -2.22 13.35
C LEU A 306 -4.48 -2.93 12.46
N GLN A 307 -3.98 -3.42 11.32
CA GLN A 307 -4.78 -4.16 10.34
C GLN A 307 -4.28 -5.60 10.25
N VAL A 308 -5.21 -6.54 10.06
CA VAL A 308 -4.87 -7.95 9.90
C VAL A 308 -5.10 -8.38 8.45
N ARG A 309 -4.09 -9.02 7.85
CA ARG A 309 -4.19 -9.57 6.49
C ARG A 309 -3.77 -11.03 6.53
N GLY A 310 -4.12 -11.78 5.48
CA GLY A 310 -3.71 -13.17 5.38
C GLY A 310 -2.25 -13.35 5.04
N THR A 311 -1.78 -14.59 5.00
CA THR A 311 -0.36 -14.86 4.83
C THR A 311 0.24 -14.43 3.48
N ARG A 312 -0.54 -14.48 2.41
CA ARG A 312 -0.05 -14.09 1.09
C ARG A 312 -0.37 -12.64 0.73
N GLY A 313 -0.82 -11.88 1.73
CA GLY A 313 -1.09 -10.46 1.59
C GLY A 313 -2.57 -10.14 1.79
N GLU A 314 -2.96 -8.90 1.51
CA GLU A 314 -4.36 -8.49 1.63
C GLU A 314 -5.32 -9.39 0.83
N HIS A 315 -6.56 -9.53 1.29
CA HIS A 315 -7.57 -10.29 0.55
C HIS A 315 -7.25 -11.78 0.48
N THR A 316 -6.44 -12.26 1.42
CA THR A 316 -6.15 -13.67 1.51
C THR A 316 -6.39 -14.17 2.95
N GLU A 317 -6.50 -15.47 3.10
CA GLU A 317 -6.70 -16.07 4.42
C GLU A 317 -5.38 -16.31 5.13
N SER A 318 -5.45 -16.45 6.45
CA SER A 318 -4.31 -16.96 7.21
C SER A 318 -4.06 -18.42 6.89
N GLU A 319 -2.79 -18.79 6.79
CA GLU A 319 -2.41 -20.18 6.62
C GLU A 319 -1.55 -20.62 7.79
N GLY A 320 -1.91 -21.72 8.42
CA GLY A 320 -1.13 -22.27 9.51
C GLY A 320 -1.03 -21.31 10.67
N GLY A 321 -2.07 -20.49 10.84
CA GLY A 321 -2.11 -19.52 11.92
C GLY A 321 -1.21 -18.31 11.71
N VAL A 322 -0.72 -18.09 10.50
CA VAL A 322 0.20 -16.98 10.29
C VAL A 322 -0.55 -15.79 9.73
N TYR A 323 -0.59 -14.71 10.49
CA TYR A 323 -1.25 -13.48 10.08
C TYR A 323 -0.25 -12.37 9.78
N ASP A 324 -0.62 -11.52 8.84
CA ASP A 324 0.12 -10.31 8.55
C ASP A 324 -0.57 -9.20 9.36
N ILE A 325 0.16 -8.62 10.33
CA ILE A 325 -0.40 -7.55 11.15
C ILE A 325 0.48 -6.31 11.01
N SER A 326 -0.15 -5.16 10.76
CA SER A 326 0.60 -3.95 10.39
C SER A 326 -0.11 -2.69 10.85
N ASN A 327 0.62 -1.58 10.90
CA ASN A 327 -0.02 -0.29 11.10
C ASN A 327 -0.98 -0.05 9.95
N LYS A 328 -2.19 0.41 10.27
CA LYS A 328 -3.17 0.75 9.26
C LYS A 328 -2.94 2.15 8.71
N ARG A 329 -2.62 3.08 9.60
N ARG A 329 -2.60 3.08 9.59
CA ARG A 329 -2.52 4.49 9.27
CA ARG A 329 -2.55 4.51 9.25
C ARG A 329 -1.19 4.81 8.58
C ARG A 329 -1.20 4.92 8.67
N ARG A 330 -1.22 5.65 7.56
CA ARG A 330 0.01 6.05 6.89
C ARG A 330 0.11 7.57 6.72
N LEU A 331 -1.04 8.25 6.78
CA LEU A 331 -1.12 9.69 6.54
C LEU A 331 -1.54 10.43 7.81
N GLY A 332 -0.94 11.59 8.05
CA GLY A 332 -1.23 12.39 9.24
C GLY A 332 -0.46 11.94 10.48
N LEU A 333 0.60 11.18 10.26
CA LEU A 333 1.52 10.81 11.33
C LEU A 333 2.87 10.61 10.68
N THR A 334 3.95 10.77 11.43
CA THR A 334 5.29 10.64 10.85
C THR A 334 5.65 9.18 10.61
N GLU A 335 6.72 8.98 9.85
CA GLU A 335 7.26 7.65 9.65
C GLU A 335 7.56 7.00 10.99
N TYR A 336 8.18 7.74 11.89
CA TYR A 336 8.49 7.23 13.21
C TYR A 336 7.20 6.81 13.93
N GLN A 337 6.18 7.66 13.89
CA GLN A 337 4.91 7.35 14.54
C GLN A 337 4.22 6.12 13.95
N ALA A 338 4.31 5.98 12.62
CA ALA A 338 3.69 4.83 11.95
C ALA A 338 4.36 3.54 12.37
N VAL A 339 5.69 3.51 12.32
CA VAL A 339 6.41 2.30 12.69
C VAL A 339 6.27 2.01 14.19
N ARG A 340 6.18 3.06 14.99
CA ARG A 340 5.97 2.86 16.43
C ARG A 340 4.57 2.31 16.75
N GLU A 341 3.55 2.65 15.97
CA GLU A 341 2.24 2.06 16.19
C GLU A 341 2.28 0.54 16.03
N MET A 342 3.00 0.05 15.04
CA MET A 342 3.15 -1.39 14.87
C MET A 342 3.95 -1.99 16.02
N GLN A 343 5.10 -1.40 16.32
CA GLN A 343 5.94 -1.92 17.39
C GLN A 343 5.14 -2.02 18.68
N ASP A 344 4.49 -0.92 19.04
CA ASP A 344 3.80 -0.81 20.32
C ASP A 344 2.63 -1.78 20.38
N GLY A 345 1.88 -1.88 19.29
CA GLY A 345 0.72 -2.74 19.23
C GLY A 345 1.12 -4.21 19.28
N ILE A 346 2.14 -4.57 18.51
CA ILE A 346 2.58 -5.95 18.48
C ILE A 346 3.20 -6.39 19.82
N LEU A 347 3.95 -5.51 20.47
CA LEU A 347 4.50 -5.86 21.77
C LEU A 347 3.39 -6.12 22.79
N GLU A 348 2.33 -5.32 22.73
CA GLU A 348 1.21 -5.48 23.67
C GLU A 348 0.33 -6.69 23.35
N MET A 349 0.11 -6.95 22.05
CA MET A 349 -0.66 -8.12 21.64
C MET A 349 0.06 -9.40 22.04
N ILE A 350 1.38 -9.38 22.00
CA ILE A 350 2.15 -10.53 22.45
C ILE A 350 1.99 -10.70 23.97
N LYS A 351 2.01 -9.60 24.71
CA LYS A 351 1.79 -9.67 26.15
C LYS A 351 0.41 -10.28 26.46
N MET A 352 -0.60 -9.87 25.71
CA MET A 352 -1.96 -10.39 25.90
C MET A 352 -2.03 -11.87 25.62
N GLU A 353 -1.34 -12.31 24.58
CA GLU A 353 -1.28 -13.72 24.22
C GLU A 353 -0.67 -14.55 25.34
N LYS A 354 0.42 -14.07 25.94
CA LYS A 354 1.05 -14.79 27.04
C LYS A 354 0.12 -14.89 28.25
N ALA A 355 -0.74 -13.88 28.44
CA ALA A 355 -1.60 -13.83 29.60
C ALA A 355 -2.89 -14.61 29.36
N ALA A 356 -3.38 -14.59 28.13
CA ALA A 356 -4.62 -15.26 27.78
C ALA A 356 -4.59 -16.73 28.20
N ALA A 357 -5.77 -17.28 28.47
CA ALA A 357 -5.89 -18.69 28.84
C ALA A 357 -5.95 -19.56 27.60
MG MG B . 0.16 -5.05 -2.40
PB ADP C . 1.81 -4.24 0.27
O1B ADP C . 1.52 -4.20 -1.21
O2B ADP C . 3.26 -4.40 0.65
O3B ADP C . 0.98 -3.25 1.04
PA ADP C . 0.41 -6.85 0.38
O1A ADP C . 0.11 -6.85 -1.09
O2A ADP C . -0.53 -7.46 1.38
O3A ADP C . 1.42 -5.82 0.91
O5' ADP C . 1.53 -8.24 0.32
C5' ADP C . 2.67 -8.14 -0.36
C4' ADP C . 3.63 -9.33 -0.04
O4' ADP C . 4.30 -9.07 1.19
C3' ADP C . 2.87 -10.65 0.17
O3' ADP C . 3.56 -11.72 -0.40
C2' ADP C . 2.93 -10.88 1.71
O2' ADP C . 3.14 -12.21 2.02
C1' ADP C . 4.27 -10.18 1.99
N9 ADP C . 4.50 -9.76 3.41
C8 ADP C . 3.76 -8.77 4.09
N7 ADP C . 4.18 -8.60 5.36
C5 ADP C . 5.21 -9.54 5.52
C6 ADP C . 6.05 -9.86 6.61
N6 ADP C . 5.93 -9.22 7.83
N1 ADP C . 7.01 -10.82 6.48
C2 ADP C . 7.10 -11.45 5.25
N3 ADP C . 6.37 -11.24 4.14
C4 ADP C . 5.42 -10.25 4.30
C CIR D . -9.71 -2.57 -1.40
O CIR D . -9.89 -3.58 -0.70
OXT CIR D . -10.42 -1.55 -1.42
CA CIR D . -8.44 -2.55 -2.39
N CIR D . -8.62 -1.44 -3.34
C3 CIR D . -7.17 -2.33 -1.50
C4 CIR D . -7.24 -1.13 -0.53
C5 CIR D . -6.06 -1.20 0.51
N6 CIR D . -5.86 -2.58 1.00
C7 CIR D . -6.27 -2.96 2.26
O7 CIR D . -6.83 -2.17 3.08
N8 CIR D . -6.08 -4.26 2.68
#